data_3E79
#
_entry.id   3E79
#
_cell.length_a   50.107
_cell.length_b   69.149
_cell.length_c   60.297
_cell.angle_alpha   90.00
_cell.angle_beta   106.81
_cell.angle_gamma   90.00
#
_symmetry.space_group_name_H-M   'P 1 21 1'
#
loop_
_entity.id
_entity.type
_entity.pdbx_description
1 polymer 'High affinity transport system protein p37'
2 non-polymer '5-amino-2,4,6-triiodobenzene-1,3-dicarboxylic acid'
3 non-polymer 'THIAMINE DIPHOSPHATE'
4 non-polymer 'CALCIUM ION'
5 non-polymer 'CHLORIDE ION'
6 water water
#
_entity_poly.entity_id   1
_entity_poly.type   'polypeptide(L)'
_entity_poly.pdbx_seq_one_letter_code
;MLKKLKNFILFSSIFSPIAFAISCSNTGVVKQEDVSVSQGQWDKSITFGVSEAWLNKKKGGEKVNKEVINTFLENFKKEF
NKLKNANDKTKNFDDVDFKVTPIQDFTVLLNNLSTDNPELDFGINASGKLVEFLKNNPGIITPALETTTNSFVFDKEKDK
FYVDGTDSDPLVKIAKEINKIFVETPYASWTDENHKWNGNVYQSVYDPTVQANFYRGMIWIKGNDETLAKIKKAWNDKDW
NTFRNFGILHGKDNSSSKFKLEETILKNHFQNKFTTLNEDRSAHPNAYKQKSADTLGTLDDFHIAFSEEGSFAWTHNKSA
TKPFETKANEKMEALIVTNPIPYDVGVFRKSVNQLEQNLIVQTFINLAKNKQDTYGPLLGYNGYKKIDNFQKEIVEVYEK
AIK
;
_entity_poly.pdbx_strand_id   A
#
# COMPACT_ATOMS: atom_id res chain seq x y z
N GLN A 39 -13.49 30.25 3.89
CA GLN A 39 -12.58 29.51 3.01
C GLN A 39 -11.43 28.88 3.79
N GLY A 40 -11.40 29.08 5.10
CA GLY A 40 -10.42 28.53 6.03
C GLY A 40 -9.37 29.55 6.41
N GLN A 41 -8.51 29.27 7.38
CA GLN A 41 -7.51 30.27 7.76
C GLN A 41 -6.15 29.97 7.14
N TRP A 42 -5.47 31.02 6.66
CA TRP A 42 -4.07 30.90 6.27
C TRP A 42 -3.21 30.48 7.46
N ASP A 43 -2.42 29.42 7.32
CA ASP A 43 -1.57 28.98 8.44
C ASP A 43 -0.12 29.12 8.05
N LYS A 44 0.63 29.98 8.75
CA LYS A 44 1.99 30.24 8.26
C LYS A 44 2.96 29.16 8.73
N SER A 45 2.45 28.16 9.46
CA SER A 45 3.29 27.02 9.79
C SER A 45 2.62 25.72 9.40
N ILE A 46 3.24 24.90 8.54
CA ILE A 46 2.59 23.68 8.09
C ILE A 46 3.40 22.47 8.52
N THR A 47 2.77 21.60 9.32
CA THR A 47 3.39 20.42 9.90
C THR A 47 2.85 19.13 9.29
N PHE A 48 3.73 18.37 8.65
CA PHE A 48 3.44 17.06 8.09
C PHE A 48 3.61 15.95 9.12
N GLY A 49 2.63 15.08 9.29
CA GLY A 49 2.78 13.95 10.21
C GLY A 49 3.47 12.82 9.45
N VAL A 50 4.54 12.26 9.98
CA VAL A 50 5.23 11.14 9.34
C VAL A 50 5.36 9.98 10.33
N SER A 51 5.52 8.75 9.85
CA SER A 51 5.69 7.58 10.67
C SER A 51 6.90 7.70 11.60
N GLU A 52 6.66 7.58 12.88
CA GLU A 52 7.65 7.66 13.94
C GLU A 52 8.73 6.60 13.74
N ALA A 53 8.29 5.38 13.44
CA ALA A 53 9.22 4.29 13.18
C ALA A 53 10.07 4.58 11.95
N TRP A 54 9.50 5.27 10.96
CA TRP A 54 10.29 5.56 9.77
C TRP A 54 11.35 6.62 10.06
N LEU A 55 10.92 7.68 10.75
CA LEU A 55 11.76 8.83 11.06
C LEU A 55 12.98 8.46 11.91
N ASN A 56 12.85 7.61 12.91
CA ASN A 56 14.00 7.29 13.75
C ASN A 56 14.83 6.15 13.16
N LYS A 57 14.46 5.68 11.99
CA LYS A 57 15.19 4.64 11.27
C LYS A 57 16.69 4.88 11.30
N LYS A 58 17.41 3.99 11.98
CA LYS A 58 18.86 4.05 12.11
C LYS A 58 19.55 3.17 11.07
N LYS A 59 20.28 3.77 10.14
CA LYS A 59 21.00 2.96 9.16
C LYS A 59 22.49 2.96 9.46
N GLY A 60 22.88 2.11 10.40
CA GLY A 60 24.25 2.02 10.86
C GLY A 60 24.47 2.91 12.07
N GLY A 61 23.43 3.05 12.89
CA GLY A 61 23.50 3.92 14.05
C GLY A 61 23.14 5.35 13.66
N GLU A 62 23.30 5.65 12.38
CA GLU A 62 22.98 6.93 11.78
C GLU A 62 21.49 7.08 11.54
N LYS A 63 21.02 8.32 11.37
CA LYS A 63 19.60 8.51 11.05
C LYS A 63 19.45 9.18 9.69
N VAL A 64 19.52 8.36 8.64
CA VAL A 64 19.52 8.82 7.27
C VAL A 64 18.20 9.49 6.88
N ASN A 65 17.08 8.84 7.14
CA ASN A 65 15.77 9.39 6.80
C ASN A 65 15.61 10.81 7.33
N LYS A 66 16.17 11.06 8.52
CA LYS A 66 16.05 12.42 9.05
C LYS A 66 16.77 13.39 8.13
N GLU A 67 17.89 12.97 7.55
CA GLU A 67 18.59 13.88 6.63
C GLU A 67 17.80 14.01 5.33
N VAL A 68 17.17 12.91 4.94
CA VAL A 68 16.33 12.84 3.76
C VAL A 68 15.13 13.77 3.90
N ILE A 69 14.48 13.76 5.07
CA ILE A 69 13.31 14.65 5.16
C ILE A 69 13.70 16.12 5.25
N ASN A 70 14.92 16.46 5.69
CA ASN A 70 15.18 17.90 5.82
C ASN A 70 15.40 18.52 4.47
N THR A 71 16.07 17.82 3.56
CA THR A 71 16.19 18.47 2.24
C THR A 71 14.84 18.44 1.53
N PHE A 72 13.98 17.45 1.80
CA PHE A 72 12.67 17.48 1.17
C PHE A 72 11.92 18.73 1.60
N LEU A 73 11.98 19.01 2.89
CA LEU A 73 11.31 20.14 3.51
C LEU A 73 11.85 21.46 2.97
N GLU A 74 13.16 21.49 2.77
CA GLU A 74 13.80 22.69 2.24
C GLU A 74 13.38 22.86 0.79
N ASN A 75 13.32 21.76 0.03
CA ASN A 75 12.86 21.88 -1.35
C ASN A 75 11.39 22.27 -1.40
N PHE A 76 10.60 21.74 -0.48
CA PHE A 76 9.17 22.06 -0.46
C PHE A 76 8.91 23.53 -0.17
N LYS A 77 9.60 24.06 0.84
CA LYS A 77 9.42 25.46 1.24
C LYS A 77 9.71 26.42 0.10
N LYS A 78 10.81 26.14 -0.60
CA LYS A 78 11.21 27.05 -1.66
C LYS A 78 10.24 26.99 -2.84
N GLU A 79 9.78 25.82 -3.25
CA GLU A 79 8.81 25.77 -4.36
C GLU A 79 7.45 26.32 -3.92
N PHE A 80 7.01 25.98 -2.71
CA PHE A 80 5.71 26.47 -2.27
C PHE A 80 5.68 27.99 -2.30
N ASN A 81 6.68 28.61 -1.67
CA ASN A 81 6.60 30.07 -1.50
C ASN A 81 6.83 30.77 -2.84
N LYS A 82 7.54 30.08 -3.74
CA LYS A 82 7.65 30.61 -5.10
C LYS A 82 6.30 30.70 -5.79
N LEU A 83 5.51 29.63 -5.76
CA LEU A 83 4.17 29.65 -6.32
C LEU A 83 3.26 30.67 -5.64
N LYS A 84 3.39 30.73 -4.31
CA LYS A 84 2.49 31.58 -3.54
C LYS A 84 2.72 33.04 -3.91
N ASN A 85 4.00 33.40 -4.00
CA ASN A 85 4.37 34.79 -4.22
C ASN A 85 4.22 35.21 -5.68
N ALA A 86 4.14 34.22 -6.55
CA ALA A 86 3.98 34.47 -7.97
C ALA A 86 2.51 34.72 -8.29
N ASN A 87 1.64 34.41 -7.34
CA ASN A 87 0.21 34.53 -7.65
C ASN A 87 -0.46 35.68 -6.91
N ASP A 88 -1.23 36.49 -7.64
CA ASP A 88 -1.80 37.71 -7.06
C ASP A 88 -2.74 37.46 -5.89
N LYS A 89 -3.56 36.42 -5.97
CA LYS A 89 -4.50 36.05 -4.91
C LYS A 89 -3.83 35.59 -3.63
N THR A 90 -2.57 35.15 -3.66
CA THR A 90 -1.97 34.63 -2.44
C THR A 90 -0.72 35.36 -2.01
N LYS A 91 -0.19 36.26 -2.84
CA LYS A 91 1.13 36.81 -2.47
C LYS A 91 1.06 37.71 -1.25
N ASN A 92 -0.11 38.16 -0.81
CA ASN A 92 -0.08 39.05 0.37
C ASN A 92 -0.21 38.29 1.68
N PHE A 93 -0.42 36.97 1.62
CA PHE A 93 -0.39 36.18 2.84
C PHE A 93 1.04 35.93 3.31
N ASP A 94 1.24 35.58 4.57
CA ASP A 94 2.57 35.32 5.06
C ASP A 94 3.22 34.12 4.34
N ASP A 95 4.54 34.19 4.20
CA ASP A 95 5.32 33.07 3.65
C ASP A 95 5.16 31.89 4.60
N VAL A 96 5.28 30.66 4.14
CA VAL A 96 4.96 29.53 5.03
C VAL A 96 6.18 28.67 5.32
N ASP A 97 6.32 28.24 6.57
CA ASP A 97 7.42 27.34 6.91
C ASP A 97 6.87 25.92 7.04
N PHE A 98 7.68 24.93 6.67
CA PHE A 98 7.22 23.55 6.74
C PHE A 98 8.03 22.69 7.71
N LYS A 99 7.33 21.83 8.44
CA LYS A 99 8.05 20.92 9.36
C LYS A 99 7.39 19.55 9.37
N VAL A 100 8.00 18.60 10.09
CA VAL A 100 7.26 17.35 10.26
C VAL A 100 7.10 17.03 11.74
N THR A 101 6.18 16.11 12.04
CA THR A 101 6.12 15.61 13.41
C THR A 101 5.91 14.10 13.34
N PRO A 102 6.58 13.31 14.18
CA PRO A 102 6.40 11.86 14.11
C PRO A 102 5.06 11.42 14.70
N ILE A 103 4.42 10.45 14.04
CA ILE A 103 3.14 9.93 14.49
C ILE A 103 3.24 8.43 14.73
N GLN A 104 2.60 7.94 15.79
CA GLN A 104 2.71 6.53 16.18
C GLN A 104 2.18 5.60 15.11
N ASP A 105 0.93 5.78 14.72
CA ASP A 105 0.29 4.96 13.69
C ASP A 105 -0.85 5.72 13.03
N PHE A 106 -1.46 5.08 12.04
CA PHE A 106 -2.46 5.83 11.27
C PHE A 106 -3.69 6.17 12.08
N THR A 107 -3.97 5.44 13.17
CA THR A 107 -5.16 5.84 13.92
C THR A 107 -4.91 7.18 14.60
N VAL A 108 -3.66 7.37 15.02
CA VAL A 108 -3.39 8.67 15.67
C VAL A 108 -3.39 9.76 14.61
N LEU A 109 -2.92 9.41 13.40
CA LEU A 109 -2.96 10.45 12.36
C LEU A 109 -4.40 10.92 12.11
N LEU A 110 -5.34 10.03 11.83
CA LEU A 110 -6.69 10.44 11.45
C LEU A 110 -7.40 11.09 12.63
N ASN A 111 -7.25 10.51 13.80
CA ASN A 111 -7.86 11.11 14.99
C ASN A 111 -7.27 12.49 15.25
N ASN A 112 -5.96 12.62 15.13
CA ASN A 112 -5.36 13.91 15.40
C ASN A 112 -5.80 14.97 14.40
N LEU A 113 -5.85 14.66 13.11
CA LEU A 113 -6.28 15.62 12.10
C LEU A 113 -7.73 16.04 12.32
N SER A 114 -8.54 15.10 12.79
CA SER A 114 -9.97 15.41 12.89
C SER A 114 -10.27 16.40 14.01
N THR A 115 -9.31 16.61 14.90
CA THR A 115 -9.48 17.62 15.94
C THR A 115 -9.18 19.01 15.39
N ASP A 116 -8.56 19.09 14.21
CA ASP A 116 -8.34 20.37 13.54
C ASP A 116 -7.48 21.31 14.39
N ASN A 117 -6.40 20.79 14.91
CA ASN A 117 -5.37 21.46 15.67
C ASN A 117 -4.22 21.91 14.76
N PRO A 118 -3.88 23.18 14.73
CA PRO A 118 -2.80 23.70 13.88
C PRO A 118 -1.44 23.09 14.10
N GLU A 119 -1.23 22.35 15.19
CA GLU A 119 0.08 21.68 15.34
C GLU A 119 0.22 20.49 14.41
N LEU A 120 -0.87 20.04 13.78
CA LEU A 120 -0.77 18.93 12.83
C LEU A 120 -1.70 19.22 11.68
N ASP A 121 -1.16 19.48 10.50
CA ASP A 121 -2.00 19.97 9.41
C ASP A 121 -2.29 18.98 8.30
N PHE A 122 -1.41 18.02 8.08
CA PHE A 122 -1.52 17.21 6.87
C PHE A 122 -0.82 15.88 7.09
N GLY A 123 -1.30 14.82 6.44
CA GLY A 123 -0.53 13.57 6.44
C GLY A 123 -0.99 12.68 5.29
N ILE A 124 -0.26 11.62 4.98
CA ILE A 124 -0.74 10.71 3.91
C ILE A 124 -1.10 9.37 4.51
N ASN A 125 -2.27 8.86 4.12
CA ASN A 125 -2.87 7.68 4.74
C ASN A 125 -3.32 6.69 3.67
N ALA A 126 -3.33 5.40 4.02
CA ALA A 126 -3.86 4.39 3.11
C ALA A 126 -5.31 4.69 2.76
N SER A 127 -5.66 4.46 1.49
CA SER A 127 -6.99 4.88 1.06
C SER A 127 -8.11 4.11 1.72
N GLY A 128 -8.01 2.78 1.83
CA GLY A 128 -9.14 2.03 2.36
C GLY A 128 -9.46 2.45 3.79
N LYS A 129 -8.41 2.51 4.62
CA LYS A 129 -8.61 2.98 6.00
C LYS A 129 -9.27 4.35 6.03
N LEU A 130 -8.90 5.23 5.11
CA LEU A 130 -9.49 6.58 5.15
C LEU A 130 -10.96 6.56 4.76
N VAL A 131 -11.29 5.79 3.70
CA VAL A 131 -12.68 5.71 3.29
C VAL A 131 -13.53 5.19 4.46
N GLU A 132 -13.01 4.24 5.22
CA GLU A 132 -13.69 3.65 6.37
C GLU A 132 -13.84 4.69 7.48
N PHE A 133 -12.78 5.43 7.76
CA PHE A 133 -12.88 6.52 8.74
C PHE A 133 -13.96 7.52 8.35
N LEU A 134 -13.99 7.98 7.10
CA LEU A 134 -14.89 9.05 6.68
C LEU A 134 -16.33 8.57 6.52
N LYS A 135 -16.53 7.26 6.41
CA LYS A 135 -17.89 6.74 6.43
C LYS A 135 -18.51 7.04 7.79
N ASN A 136 -17.75 6.78 8.85
CA ASN A 136 -18.20 7.08 10.20
C ASN A 136 -18.46 8.57 10.41
N ASN A 137 -17.40 9.34 10.18
CA ASN A 137 -17.33 10.77 10.47
C ASN A 137 -17.05 11.59 9.23
N PRO A 138 -18.08 11.75 8.43
CA PRO A 138 -18.03 12.46 7.16
C PRO A 138 -17.67 13.94 7.31
N GLY A 139 -16.97 14.46 6.30
CA GLY A 139 -16.56 15.84 6.20
C GLY A 139 -15.60 16.28 7.28
N ILE A 140 -15.15 15.36 8.14
CA ILE A 140 -14.37 15.84 9.29
C ILE A 140 -12.96 16.23 8.92
N ILE A 141 -12.44 15.66 7.85
CA ILE A 141 -11.12 16.02 7.32
C ILE A 141 -11.24 16.11 5.80
N THR A 142 -10.22 16.64 5.14
CA THR A 142 -10.35 16.95 3.72
C THR A 142 -9.33 16.26 2.84
N PRO A 143 -9.76 15.27 2.07
CA PRO A 143 -8.78 14.58 1.21
C PRO A 143 -8.47 15.49 0.02
N ALA A 144 -7.20 15.57 -0.38
CA ALA A 144 -6.87 16.55 -1.41
C ALA A 144 -5.90 16.03 -2.44
N LEU A 145 -5.05 15.06 -2.06
CA LEU A 145 -4.21 14.58 -3.16
C LEU A 145 -4.06 13.07 -3.14
N GLU A 146 -3.78 12.59 -4.33
CA GLU A 146 -3.69 11.14 -4.52
C GLU A 146 -2.25 10.82 -4.92
N THR A 147 -1.67 9.82 -4.27
CA THR A 147 -0.34 9.38 -4.74
C THR A 147 -0.50 8.38 -5.88
N THR A 148 0.58 8.20 -6.63
CA THR A 148 0.66 7.17 -7.66
C THR A 148 1.99 6.43 -7.47
N THR A 149 2.08 5.20 -7.96
CA THR A 149 3.30 4.40 -7.76
C THR A 149 3.76 3.84 -9.10
N ASN A 150 5.07 3.62 -9.25
CA ASN A 150 5.59 2.98 -10.46
C ASN A 150 4.87 1.64 -10.67
N SER A 151 4.34 1.42 -11.87
CA SER A 151 3.63 0.18 -12.13
C SER A 151 4.55 -1.04 -12.11
N PHE A 152 4.00 -2.15 -11.67
CA PHE A 152 4.74 -3.42 -11.73
C PHE A 152 4.74 -3.89 -13.18
N VAL A 153 5.79 -4.51 -13.70
CA VAL A 153 5.73 -4.89 -15.12
C VAL A 153 4.58 -5.87 -15.37
N PHE A 154 4.15 -6.62 -14.36
CA PHE A 154 3.07 -7.60 -14.50
C PHE A 154 1.70 -7.06 -14.12
N ASP A 155 1.56 -5.78 -13.79
CA ASP A 155 0.20 -5.33 -13.43
C ASP A 155 0.04 -3.86 -13.78
N LYS A 156 0.00 -3.60 -15.08
CA LYS A 156 -0.07 -2.26 -15.65
C LYS A 156 -1.48 -1.77 -15.91
N GLU A 157 -2.49 -2.65 -15.86
CA GLU A 157 -3.84 -2.17 -16.15
C GLU A 157 -4.74 -2.33 -14.94
N LYS A 158 -5.25 -1.17 -14.51
CA LYS A 158 -6.10 -1.15 -13.35
C LYS A 158 -7.27 -2.09 -13.48
N ASP A 159 -7.99 -1.96 -14.60
CA ASP A 159 -9.31 -2.55 -14.77
C ASP A 159 -9.29 -4.03 -15.12
N LYS A 160 -8.81 -4.83 -14.20
CA LYS A 160 -8.90 -6.27 -14.09
C LYS A 160 -9.55 -6.62 -12.75
N PHE A 161 -10.65 -7.35 -12.78
CA PHE A 161 -11.40 -7.66 -11.58
C PHE A 161 -11.69 -9.16 -11.50
N TYR A 162 -12.03 -9.65 -10.33
CA TYR A 162 -12.40 -11.06 -10.24
C TYR A 162 -13.53 -11.41 -11.19
N VAL A 163 -13.43 -12.61 -11.78
CA VAL A 163 -14.50 -13.11 -12.64
C VAL A 163 -15.00 -14.44 -12.11
N ASP A 164 -14.18 -15.49 -12.20
CA ASP A 164 -14.62 -16.77 -11.62
C ASP A 164 -13.48 -17.55 -10.98
N GLY A 165 -12.25 -17.06 -10.96
CA GLY A 165 -11.18 -17.78 -10.29
C GLY A 165 -10.64 -18.94 -11.09
N THR A 166 -10.99 -19.06 -12.36
CA THR A 166 -10.42 -20.14 -13.17
C THR A 166 -9.18 -19.66 -13.91
N ASP A 167 -8.56 -20.54 -14.69
CA ASP A 167 -7.31 -20.18 -15.36
C ASP A 167 -7.45 -19.04 -16.35
N SER A 168 -8.65 -18.66 -16.76
CA SER A 168 -8.78 -17.53 -17.69
C SER A 168 -9.21 -16.26 -16.97
N ASP A 169 -9.23 -16.35 -15.64
CA ASP A 169 -9.60 -15.17 -14.83
C ASP A 169 -8.45 -14.17 -14.90
N PRO A 170 -8.74 -12.91 -15.14
CA PRO A 170 -7.65 -11.95 -15.35
C PRO A 170 -6.80 -11.84 -14.08
N LEU A 171 -7.35 -12.01 -12.89
CA LEU A 171 -6.52 -11.95 -11.68
C LEU A 171 -5.65 -13.20 -11.52
N VAL A 172 -6.12 -14.32 -12.07
CA VAL A 172 -5.29 -15.53 -12.06
C VAL A 172 -4.15 -15.38 -13.05
N LYS A 173 -4.43 -14.79 -14.21
CA LYS A 173 -3.39 -14.50 -15.20
C LYS A 173 -2.29 -13.61 -14.66
N ILE A 174 -2.67 -12.58 -13.88
CA ILE A 174 -1.59 -11.81 -13.24
C ILE A 174 -0.79 -12.65 -12.27
N ALA A 175 -1.47 -13.50 -11.49
CA ALA A 175 -0.72 -14.37 -10.59
C ALA A 175 0.27 -15.29 -11.33
N LYS A 176 -0.12 -15.78 -12.50
CA LYS A 176 0.80 -16.60 -13.28
C LYS A 176 1.99 -15.77 -13.74
N GLU A 177 1.76 -14.51 -14.13
CA GLU A 177 2.89 -13.66 -14.52
C GLU A 177 3.84 -13.43 -13.34
N ILE A 178 3.26 -13.18 -12.15
CA ILE A 178 4.13 -13.04 -10.97
C ILE A 178 4.95 -14.32 -10.77
N ASN A 179 4.37 -15.51 -10.95
CA ASN A 179 5.16 -16.72 -10.72
C ASN A 179 6.33 -16.86 -11.70
N LYS A 180 6.19 -16.35 -12.91
CA LYS A 180 7.29 -16.37 -13.87
C LYS A 180 8.49 -15.60 -13.34
N ILE A 181 8.21 -14.49 -12.67
CA ILE A 181 9.22 -13.61 -12.10
C ILE A 181 9.78 -14.12 -10.79
N PHE A 182 8.92 -14.73 -9.97
CA PHE A 182 9.34 -15.04 -8.60
C PHE A 182 9.71 -16.50 -8.41
N VAL A 183 9.14 -17.39 -9.22
CA VAL A 183 9.38 -18.83 -9.06
C VAL A 183 10.32 -19.35 -10.15
N GLU A 184 10.04 -19.06 -11.41
CA GLU A 184 10.77 -19.62 -12.56
C GLU A 184 12.22 -19.17 -12.56
N THR A 185 12.41 -17.92 -12.21
CA THR A 185 13.66 -17.28 -11.82
C THR A 185 13.60 -17.05 -10.30
N PRO A 186 14.03 -18.06 -9.56
CA PRO A 186 13.78 -18.06 -8.11
C PRO A 186 14.34 -16.82 -7.39
N TYR A 187 13.49 -16.19 -6.60
CA TYR A 187 13.78 -15.03 -5.76
C TYR A 187 15.04 -15.17 -4.91
N ALA A 188 15.22 -16.35 -4.28
CA ALA A 188 16.40 -16.58 -3.46
C ALA A 188 17.70 -16.46 -4.25
N SER A 189 17.59 -16.61 -5.56
N SER A 189 17.65 -16.60 -5.57
CA SER A 189 18.62 -16.63 -6.57
CA SER A 189 18.93 -16.50 -6.26
C SER A 189 18.86 -15.27 -7.21
C SER A 189 19.12 -15.12 -6.87
N TRP A 190 18.10 -14.26 -6.84
CA TRP A 190 18.28 -12.92 -7.40
C TRP A 190 19.49 -12.23 -6.75
N THR A 191 20.21 -11.42 -7.52
CA THR A 191 21.26 -10.57 -6.99
C THR A 191 20.90 -9.09 -7.12
N ASP A 192 21.54 -8.27 -6.30
CA ASP A 192 21.37 -6.83 -6.44
C ASP A 192 21.60 -6.36 -7.87
N GLU A 193 22.48 -7.02 -8.63
CA GLU A 193 22.75 -6.55 -9.98
C GLU A 193 21.81 -7.16 -11.01
N ASN A 194 21.47 -8.43 -10.89
CA ASN A 194 20.46 -9.16 -11.60
C ASN A 194 19.14 -8.40 -11.75
N HIS A 195 18.64 -7.97 -10.60
CA HIS A 195 17.32 -7.34 -10.52
C HIS A 195 17.40 -5.86 -10.14
N LYS A 196 18.56 -5.25 -10.31
CA LYS A 196 18.70 -3.81 -10.13
C LYS A 196 18.18 -3.29 -8.78
N TRP A 197 18.70 -3.82 -7.69
CA TRP A 197 18.38 -3.38 -6.35
C TRP A 197 18.97 -1.99 -6.11
N ASN A 198 18.18 -1.03 -5.63
CA ASN A 198 18.74 0.30 -5.47
C ASN A 198 18.79 0.76 -4.02
N GLY A 199 18.77 -0.17 -3.08
CA GLY A 199 18.71 0.16 -1.66
C GLY A 199 17.25 0.24 -1.22
N ASN A 200 16.38 0.56 -2.18
CA ASN A 200 14.95 0.69 -1.92
C ASN A 200 14.12 -0.44 -2.50
N VAL A 201 14.20 -0.66 -3.81
CA VAL A 201 13.40 -1.69 -4.46
C VAL A 201 14.21 -2.42 -5.53
N TYR A 202 13.69 -3.55 -6.01
CA TYR A 202 14.28 -4.24 -7.16
C TYR A 202 13.75 -3.57 -8.41
N GLN A 203 14.58 -2.76 -9.09
CA GLN A 203 13.97 -1.92 -10.12
C GLN A 203 13.54 -2.72 -11.34
N SER A 204 14.08 -3.93 -11.52
CA SER A 204 13.77 -4.65 -12.75
C SER A 204 12.33 -5.16 -12.77
N VAL A 205 11.58 -5.06 -11.66
CA VAL A 205 10.20 -5.56 -11.73
C VAL A 205 9.18 -4.45 -11.89
N TYR A 206 9.67 -3.25 -12.20
CA TYR A 206 8.83 -2.07 -12.32
C TYR A 206 8.93 -1.44 -13.71
N ASP A 207 7.88 -0.77 -14.13
CA ASP A 207 7.90 0.05 -15.34
C ASP A 207 7.55 1.49 -14.97
N PRO A 208 8.59 2.27 -14.72
CA PRO A 208 8.38 3.64 -14.22
C PRO A 208 7.71 4.53 -15.25
N THR A 209 7.67 4.11 -16.50
CA THR A 209 7.06 4.99 -17.51
C THR A 209 5.56 5.00 -17.35
N VAL A 210 5.07 4.04 -16.56
CA VAL A 210 3.61 3.96 -16.37
C VAL A 210 3.28 4.11 -14.90
N GLN A 211 2.53 5.14 -14.54
CA GLN A 211 2.21 5.39 -13.15
C GLN A 211 0.93 4.63 -12.81
N ALA A 212 0.96 3.81 -11.76
CA ALA A 212 -0.29 3.13 -11.40
C ALA A 212 -1.01 3.89 -10.28
N ASN A 213 -2.27 4.10 -10.56
CA ASN A 213 -3.34 4.66 -9.81
C ASN A 213 -3.88 3.79 -8.69
N PHE A 214 -3.21 2.68 -8.40
CA PHE A 214 -3.86 1.63 -7.63
C PHE A 214 -2.84 0.69 -7.03
N TYR A 215 -3.29 -0.19 -6.14
CA TYR A 215 -2.52 -1.37 -5.76
C TYR A 215 -3.51 -2.50 -5.48
N ARG A 216 -2.95 -3.69 -5.27
CA ARG A 216 -3.73 -4.89 -5.04
C ARG A 216 -3.12 -5.70 -3.89
N GLY A 217 -3.93 -6.57 -3.30
CA GLY A 217 -3.42 -7.60 -2.40
C GLY A 217 -3.13 -8.87 -3.21
N MET A 218 -2.68 -9.94 -2.57
CA MET A 218 -2.49 -11.19 -3.30
C MET A 218 -2.57 -12.37 -2.34
N ILE A 219 -2.89 -13.54 -2.88
CA ILE A 219 -2.88 -14.74 -2.02
C ILE A 219 -1.74 -15.66 -2.45
N TRP A 220 -0.92 -16.03 -1.48
CA TRP A 220 0.22 -16.91 -1.70
C TRP A 220 -0.15 -18.34 -1.26
N ILE A 221 0.48 -19.35 -1.85
CA ILE A 221 0.25 -20.71 -1.37
C ILE A 221 1.62 -21.41 -1.30
N LYS A 222 1.73 -22.36 -0.39
CA LYS A 222 3.03 -22.96 -0.15
C LYS A 222 2.89 -24.45 0.15
N GLY A 223 3.82 -25.25 -0.38
CA GLY A 223 3.86 -26.67 0.04
C GLY A 223 4.79 -27.44 -0.89
N ASN A 224 4.90 -28.75 -0.66
CA ASN A 224 5.53 -29.63 -1.65
C ASN A 224 4.60 -29.80 -2.83
N ASP A 225 4.97 -30.53 -3.88
CA ASP A 225 4.15 -30.74 -5.05
C ASP A 225 2.74 -31.25 -4.74
N GLU A 226 2.63 -32.24 -3.86
CA GLU A 226 1.33 -32.86 -3.59
C GLU A 226 0.41 -31.87 -2.87
N THR A 227 0.96 -31.15 -1.91
CA THR A 227 0.15 -30.14 -1.18
C THR A 227 -0.31 -29.00 -2.07
N LEU A 228 0.58 -28.47 -2.92
CA LEU A 228 0.13 -27.42 -3.82
C LEU A 228 -1.05 -27.88 -4.67
N ALA A 229 -0.97 -29.12 -5.15
CA ALA A 229 -2.05 -29.60 -6.04
C ALA A 229 -3.35 -29.74 -5.26
N LYS A 230 -3.24 -30.18 -4.02
CA LYS A 230 -4.39 -30.36 -3.16
C LYS A 230 -5.07 -29.01 -2.87
N ILE A 231 -4.24 -27.98 -2.70
CA ILE A 231 -4.78 -26.64 -2.46
C ILE A 231 -5.47 -26.16 -3.71
N LYS A 232 -4.84 -26.34 -4.87
CA LYS A 232 -5.52 -25.85 -6.09
C LYS A 232 -6.79 -26.64 -6.37
N LYS A 233 -6.75 -27.94 -6.07
CA LYS A 233 -7.98 -28.72 -6.17
C LYS A 233 -9.08 -28.19 -5.26
N ALA A 234 -8.74 -27.90 -4.00
CA ALA A 234 -9.81 -27.39 -3.11
C ALA A 234 -10.37 -26.06 -3.60
N TRP A 235 -9.50 -25.24 -4.18
CA TRP A 235 -9.86 -23.98 -4.80
C TRP A 235 -10.76 -24.21 -6.01
N ASN A 236 -10.32 -25.13 -6.87
CA ASN A 236 -11.20 -25.38 -8.04
C ASN A 236 -12.51 -26.06 -7.67
N ASP A 237 -12.53 -26.93 -6.68
CA ASP A 237 -13.74 -27.60 -6.23
C ASP A 237 -14.62 -26.71 -5.33
N LYS A 238 -14.19 -25.52 -4.96
CA LYS A 238 -14.83 -24.60 -4.05
C LYS A 238 -15.16 -25.28 -2.73
N ASP A 239 -14.23 -26.11 -2.29
CA ASP A 239 -14.32 -26.78 -0.99
C ASP A 239 -13.69 -25.90 0.08
N TRP A 240 -14.47 -25.06 0.73
CA TRP A 240 -13.94 -24.06 1.66
C TRP A 240 -13.25 -24.73 2.82
N ASN A 241 -13.95 -25.68 3.46
CA ASN A 241 -13.40 -26.29 4.67
C ASN A 241 -12.02 -26.89 4.49
N THR A 242 -11.83 -27.58 3.38
CA THR A 242 -10.53 -28.15 3.06
C THR A 242 -9.50 -27.05 2.76
N PHE A 243 -9.93 -26.03 2.03
CA PHE A 243 -9.02 -24.93 1.67
C PHE A 243 -8.56 -24.23 2.94
N ARG A 244 -9.51 -23.75 3.75
CA ARG A 244 -9.16 -23.04 4.97
C ARG A 244 -8.32 -23.90 5.91
N ASN A 245 -8.60 -25.20 5.98
CA ASN A 245 -7.84 -26.00 6.95
C ASN A 245 -6.37 -26.11 6.60
N PHE A 246 -5.97 -25.72 5.40
CA PHE A 246 -4.54 -25.69 5.11
C PHE A 246 -3.83 -24.59 5.92
N GLY A 247 -4.57 -23.68 6.54
CA GLY A 247 -3.93 -22.71 7.42
C GLY A 247 -3.70 -21.37 6.74
N ILE A 248 -4.35 -20.31 7.20
CA ILE A 248 -4.24 -19.01 6.54
C ILE A 248 -3.50 -17.99 7.40
N LEU A 249 -2.44 -17.41 6.88
CA LEU A 249 -1.73 -16.29 7.49
C LEU A 249 -2.34 -14.98 6.98
N HIS A 250 -2.62 -14.04 7.86
CA HIS A 250 -3.27 -12.80 7.48
C HIS A 250 -2.70 -11.62 8.25
N GLY A 251 -3.04 -10.40 7.84
CA GLY A 251 -2.61 -9.25 8.66
C GLY A 251 -3.74 -8.82 9.57
N LYS A 252 -3.65 -7.58 10.03
CA LYS A 252 -4.68 -7.01 10.90
C LYS A 252 -6.02 -6.91 10.17
N ASP A 253 -7.08 -7.03 10.95
CA ASP A 253 -8.47 -7.02 10.60
C ASP A 253 -8.85 -5.78 9.81
N ASN A 254 -8.11 -4.70 10.08
CA ASN A 254 -8.45 -3.44 9.41
C ASN A 254 -7.57 -3.17 8.21
N SER A 255 -6.73 -4.14 7.82
CA SER A 255 -5.88 -3.95 6.64
C SER A 255 -6.61 -4.17 5.33
N SER A 256 -6.44 -3.33 4.32
CA SER A 256 -7.05 -3.67 3.04
C SER A 256 -6.29 -4.81 2.34
N SER A 257 -4.99 -4.63 2.11
CA SER A 257 -4.23 -5.56 1.28
C SER A 257 -3.75 -6.81 2.00
N LYS A 258 -3.86 -6.86 3.32
CA LYS A 258 -3.51 -8.08 4.06
C LYS A 258 -4.71 -8.67 4.77
N PHE A 259 -5.94 -8.25 4.42
CA PHE A 259 -7.08 -8.91 5.05
C PHE A 259 -8.36 -8.74 4.22
N LYS A 260 -8.87 -7.51 4.09
CA LYS A 260 -10.17 -7.27 3.48
C LYS A 260 -10.24 -7.56 1.99
N LEU A 261 -9.22 -7.23 1.22
CA LEU A 261 -9.32 -7.45 -0.22
C LEU A 261 -9.32 -8.96 -0.53
N GLU A 262 -8.56 -9.71 0.26
CA GLU A 262 -8.49 -11.16 0.10
C GLU A 262 -9.80 -11.79 0.54
N GLU A 263 -10.36 -11.28 1.63
CA GLU A 263 -11.63 -11.80 2.15
C GLU A 263 -12.71 -11.71 1.08
N THR A 264 -12.70 -10.60 0.33
CA THR A 264 -13.62 -10.40 -0.78
C THR A 264 -13.47 -11.45 -1.87
N ILE A 265 -12.22 -11.73 -2.24
CA ILE A 265 -12.02 -12.72 -3.31
C ILE A 265 -12.52 -14.08 -2.83
N LEU A 266 -12.22 -14.40 -1.58
CA LEU A 266 -12.59 -15.68 -1.00
C LEU A 266 -14.10 -15.83 -0.91
N LYS A 267 -14.78 -14.76 -0.55
CA LYS A 267 -16.23 -14.80 -0.44
C LYS A 267 -16.88 -15.01 -1.81
N ASN A 268 -16.34 -14.31 -2.81
CA ASN A 268 -16.85 -14.41 -4.17
C ASN A 268 -16.52 -15.75 -4.81
N HIS A 269 -15.40 -16.35 -4.42
CA HIS A 269 -15.03 -17.62 -5.05
C HIS A 269 -15.76 -18.77 -4.35
N PHE A 270 -15.73 -18.77 -3.03
CA PHE A 270 -16.42 -19.79 -2.26
C PHE A 270 -17.81 -19.28 -1.88
N GLN A 271 -18.63 -19.00 -2.88
CA GLN A 271 -19.97 -18.46 -2.75
C GLN A 271 -20.76 -19.14 -1.63
N ASN A 272 -21.28 -18.34 -0.70
CA ASN A 272 -22.16 -18.85 0.33
C ASN A 272 -21.58 -19.92 1.23
N LYS A 273 -20.27 -20.02 1.45
CA LYS A 273 -19.75 -21.08 2.32
C LYS A 273 -19.36 -20.56 3.70
N PHE A 274 -19.14 -19.26 3.87
CA PHE A 274 -18.88 -18.64 5.17
C PHE A 274 -19.44 -17.23 5.14
N THR A 275 -19.59 -16.54 6.27
CA THR A 275 -20.14 -15.19 6.12
C THR A 275 -19.03 -14.15 6.08
N THR A 276 -18.12 -14.16 7.04
CA THR A 276 -16.98 -13.25 7.07
C THR A 276 -15.75 -14.01 7.57
N LEU A 277 -14.55 -13.54 7.27
CA LEU A 277 -13.39 -14.26 7.80
C LEU A 277 -13.36 -14.21 9.32
N ASN A 278 -13.88 -13.12 9.91
CA ASN A 278 -13.86 -13.09 11.38
C ASN A 278 -14.77 -14.12 12.01
N GLU A 279 -15.98 -14.31 11.46
CA GLU A 279 -16.82 -15.36 12.05
C GLU A 279 -16.18 -16.71 11.83
N ASP A 280 -15.64 -16.92 10.62
CA ASP A 280 -15.05 -18.24 10.35
C ASP A 280 -13.95 -18.56 11.35
N ARG A 281 -13.12 -17.54 11.62
CA ARG A 281 -11.97 -17.69 12.51
C ARG A 281 -12.43 -18.07 13.91
N SER A 282 -13.57 -17.48 14.28
CA SER A 282 -14.14 -17.63 15.61
C SER A 282 -14.44 -19.09 15.92
N ALA A 283 -14.78 -19.80 14.85
CA ALA A 283 -15.19 -21.19 14.95
C ALA A 283 -14.03 -22.13 14.66
N HIS A 284 -12.98 -21.60 14.01
CA HIS A 284 -11.82 -22.37 13.60
C HIS A 284 -10.52 -21.64 13.86
N PRO A 285 -10.23 -21.35 15.12
CA PRO A 285 -9.11 -20.46 15.45
C PRO A 285 -7.72 -20.98 15.08
N ASN A 286 -7.53 -22.31 15.11
CA ASN A 286 -6.21 -22.86 14.76
C ASN A 286 -5.94 -22.82 13.25
N ALA A 287 -6.89 -22.39 12.41
CA ALA A 287 -6.67 -22.33 10.97
C ALA A 287 -6.17 -20.96 10.53
N TYR A 288 -6.01 -20.05 11.49
CA TYR A 288 -5.65 -18.67 11.18
C TYR A 288 -4.52 -18.19 12.09
N LYS A 289 -3.60 -17.39 11.55
CA LYS A 289 -2.52 -16.82 12.34
C LYS A 289 -2.14 -15.45 11.79
N GLN A 290 -1.96 -14.48 12.67
CA GLN A 290 -1.55 -13.14 12.25
C GLN A 290 -0.04 -13.06 12.08
N LYS A 291 0.44 -13.15 10.85
CA LYS A 291 1.88 -13.08 10.59
C LYS A 291 2.13 -12.65 9.16
N SER A 292 3.31 -12.12 8.88
CA SER A 292 3.59 -11.57 7.56
C SER A 292 3.74 -12.67 6.55
N ALA A 293 3.37 -12.53 5.28
CA ALA A 293 3.51 -13.64 4.34
C ALA A 293 4.95 -14.07 4.16
N ASP A 294 5.90 -13.18 4.44
CA ASP A 294 7.27 -13.59 4.09
C ASP A 294 7.85 -14.56 5.12
N THR A 295 7.10 -14.91 6.15
CA THR A 295 7.51 -15.95 7.08
C THR A 295 6.81 -17.29 6.81
N LEU A 296 6.01 -17.32 5.75
CA LEU A 296 5.15 -18.49 5.53
C LEU A 296 5.98 -19.76 5.43
N GLY A 297 7.19 -19.66 4.88
CA GLY A 297 8.05 -20.83 4.68
C GLY A 297 8.46 -21.50 5.96
N THR A 298 8.36 -20.78 7.08
CA THR A 298 8.81 -21.28 8.36
C THR A 298 7.69 -21.94 9.17
N LEU A 299 6.44 -21.87 8.76
CA LEU A 299 5.34 -22.50 9.53
C LEU A 299 4.86 -23.77 8.84
N ASP A 300 5.09 -24.92 9.48
CA ASP A 300 4.77 -26.16 8.79
C ASP A 300 3.27 -26.39 8.68
N ASP A 301 2.53 -25.78 9.58
CA ASP A 301 1.12 -25.78 9.84
C ASP A 301 0.31 -24.82 8.99
N PHE A 302 0.96 -23.94 8.24
CA PHE A 302 0.24 -22.96 7.44
C PHE A 302 0.71 -22.99 6.00
N HIS A 303 -0.22 -22.88 5.05
CA HIS A 303 0.14 -22.95 3.64
C HIS A 303 -0.52 -21.87 2.80
N ILE A 304 -1.22 -20.91 3.41
CA ILE A 304 -1.84 -19.84 2.62
C ILE A 304 -1.45 -18.51 3.26
N ALA A 305 -1.15 -17.47 2.49
CA ALA A 305 -0.84 -16.20 3.17
C ALA A 305 -1.34 -15.02 2.36
N PHE A 306 -1.76 -13.94 3.03
CA PHE A 306 -2.16 -12.72 2.34
C PHE A 306 -1.03 -11.68 2.38
N SER A 307 -0.83 -10.92 1.31
CA SER A 307 0.15 -9.84 1.34
C SER A 307 -0.23 -8.79 0.31
N GLU A 308 0.50 -7.66 0.36
CA GLU A 308 0.29 -6.73 -0.75
C GLU A 308 0.89 -7.39 -1.99
N GLU A 309 0.36 -7.05 -3.15
CA GLU A 309 0.88 -7.59 -4.41
C GLU A 309 2.32 -7.15 -4.57
N GLY A 310 3.21 -8.08 -4.90
CA GLY A 310 4.58 -7.72 -5.22
C GLY A 310 5.38 -7.23 -4.05
N SER A 311 4.99 -7.59 -2.83
CA SER A 311 5.76 -7.13 -1.68
C SER A 311 7.21 -7.61 -1.73
N PHE A 312 7.53 -8.66 -2.48
CA PHE A 312 8.93 -9.08 -2.55
C PHE A 312 9.76 -8.00 -3.24
N ALA A 313 9.07 -7.16 -4.03
CA ALA A 313 9.79 -6.15 -4.80
C ALA A 313 10.51 -5.13 -3.91
N TRP A 314 10.07 -4.91 -2.66
CA TRP A 314 10.78 -3.95 -1.83
C TRP A 314 11.37 -4.68 -0.62
N THR A 315 11.49 -6.00 -0.77
CA THR A 315 12.07 -6.80 0.31
C THR A 315 13.38 -7.42 -0.16
N HIS A 316 14.49 -6.93 0.39
CA HIS A 316 15.79 -7.45 -0.02
C HIS A 316 15.94 -8.93 0.32
N ASN A 317 16.36 -9.77 -0.64
CA ASN A 317 16.31 -11.20 -0.33
C ASN A 317 17.41 -11.64 0.61
N LYS A 318 18.37 -10.75 0.83
CA LYS A 318 19.53 -10.99 1.68
C LYS A 318 19.29 -10.58 3.14
N SER A 319 18.06 -10.24 3.51
CA SER A 319 17.81 -9.80 4.88
C SER A 319 18.05 -10.90 5.90
N ALA A 320 18.31 -10.49 7.14
CA ALA A 320 18.59 -11.43 8.20
C ALA A 320 17.41 -12.38 8.42
N THR A 321 16.20 -11.82 8.37
CA THR A 321 15.01 -12.64 8.57
C THR A 321 14.81 -13.67 7.47
N LYS A 322 15.56 -13.61 6.37
CA LYS A 322 15.43 -14.64 5.34
C LYS A 322 14.03 -14.69 4.76
N PRO A 323 13.58 -13.59 4.16
CA PRO A 323 12.18 -13.48 3.76
C PRO A 323 11.84 -14.44 2.62
N PHE A 324 10.68 -15.09 2.68
CA PHE A 324 10.16 -15.92 1.61
C PHE A 324 10.91 -17.24 1.48
N GLU A 325 11.79 -17.53 2.44
CA GLU A 325 12.57 -18.77 2.36
C GLU A 325 11.66 -19.96 2.64
N THR A 326 11.94 -21.07 1.97
CA THR A 326 11.12 -22.27 2.19
C THR A 326 11.99 -23.51 2.37
N LYS A 327 11.43 -24.59 2.92
CA LYS A 327 12.17 -25.85 3.03
C LYS A 327 12.57 -26.34 1.64
N ALA A 328 13.60 -27.16 1.53
CA ALA A 328 14.15 -27.57 0.25
C ALA A 328 13.14 -28.03 -0.80
N ASN A 329 12.25 -28.97 -0.49
CA ASN A 329 11.37 -29.45 -1.55
C ASN A 329 10.04 -28.72 -1.57
N GLU A 330 9.97 -27.53 -0.97
CA GLU A 330 8.70 -26.78 -1.03
C GLU A 330 8.86 -25.51 -1.84
N LYS A 331 7.76 -25.05 -2.43
CA LYS A 331 7.82 -23.80 -3.17
C LYS A 331 6.70 -22.88 -2.66
N MET A 332 6.89 -21.59 -2.87
CA MET A 332 5.83 -20.62 -2.53
C MET A 332 5.44 -19.95 -3.82
N GLU A 333 4.13 -19.79 -4.08
CA GLU A 333 3.78 -19.18 -5.36
C GLU A 333 2.45 -18.43 -5.22
N ALA A 334 2.19 -17.57 -6.19
CA ALA A 334 0.96 -16.78 -6.19
C ALA A 334 -0.20 -17.61 -6.70
N LEU A 335 -1.34 -17.49 -6.00
CA LEU A 335 -2.54 -18.18 -6.45
C LEU A 335 -3.42 -17.24 -7.27
N ILE A 336 -3.65 -16.06 -6.72
CA ILE A 336 -4.48 -15.05 -7.37
C ILE A 336 -4.24 -13.69 -6.73
N VAL A 337 -4.50 -12.59 -7.43
CA VAL A 337 -4.36 -11.26 -6.80
C VAL A 337 -5.76 -10.75 -6.51
N THR A 338 -5.93 -9.53 -6.02
CA THR A 338 -7.29 -9.10 -5.68
C THR A 338 -7.76 -8.02 -6.64
N ASN A 339 -8.98 -7.53 -6.45
CA ASN A 339 -9.43 -6.31 -7.13
C ASN A 339 -8.57 -5.13 -6.68
N PRO A 340 -8.52 -4.05 -7.45
CA PRO A 340 -7.58 -2.94 -7.17
C PRO A 340 -8.25 -1.80 -6.39
N ILE A 341 -7.49 -1.12 -5.54
CA ILE A 341 -8.03 0.06 -4.84
C ILE A 341 -7.02 1.19 -4.97
N PRO A 342 -7.36 2.45 -4.74
CA PRO A 342 -6.40 3.54 -4.90
C PRO A 342 -5.19 3.51 -3.97
N TYR A 343 -4.13 4.15 -4.45
CA TYR A 343 -2.90 4.32 -3.69
C TYR A 343 -3.14 5.36 -2.59
N ASP A 344 -2.13 5.70 -1.81
CA ASP A 344 -2.39 6.46 -0.58
C ASP A 344 -2.87 7.88 -0.89
N VAL A 345 -3.56 8.46 0.09
CA VAL A 345 -4.23 9.75 -0.07
C VAL A 345 -3.71 10.79 0.90
N GLY A 346 -3.40 12.00 0.42
CA GLY A 346 -3.01 13.05 1.36
C GLY A 346 -4.24 13.80 1.87
N VAL A 347 -4.35 14.00 3.18
CA VAL A 347 -5.50 14.65 3.80
C VAL A 347 -5.14 15.83 4.69
N PHE A 348 -5.94 16.88 4.69
CA PHE A 348 -5.77 18.06 5.52
C PHE A 348 -6.72 18.14 6.70
N ARG A 349 -6.29 18.77 7.80
CA ARG A 349 -7.27 19.18 8.82
C ARG A 349 -8.20 20.19 8.13
N LYS A 350 -9.41 20.36 8.64
CA LYS A 350 -10.42 21.00 7.83
C LYS A 350 -10.20 22.49 7.65
N SER A 351 -9.56 23.14 8.62
CA SER A 351 -9.57 24.61 8.53
C SER A 351 -8.36 25.18 7.80
N VAL A 352 -7.52 24.35 7.17
CA VAL A 352 -6.42 24.99 6.42
C VAL A 352 -7.05 25.69 5.22
N ASN A 353 -6.64 26.93 4.99
CA ASN A 353 -7.26 27.72 3.93
C ASN A 353 -7.21 26.97 2.60
N GLN A 354 -8.27 26.95 1.83
CA GLN A 354 -8.34 26.25 0.54
C GLN A 354 -7.27 26.65 -0.46
N LEU A 355 -6.95 27.96 -0.52
CA LEU A 355 -5.92 28.40 -1.43
C LEU A 355 -4.58 27.77 -1.03
N GLU A 356 -4.34 27.71 0.29
CA GLU A 356 -3.10 27.12 0.77
C GLU A 356 -3.00 25.63 0.43
N GLN A 357 -4.10 24.92 0.61
CA GLN A 357 -4.20 23.48 0.30
C GLN A 357 -3.82 23.24 -1.15
N ASN A 358 -4.38 24.06 -2.03
CA ASN A 358 -4.12 23.80 -3.45
C ASN A 358 -2.68 24.10 -3.83
N LEU A 359 -2.04 25.04 -3.14
CA LEU A 359 -0.66 25.33 -3.48
C LEU A 359 0.25 24.20 -3.01
N ILE A 360 -0.14 23.64 -1.86
CA ILE A 360 0.63 22.52 -1.28
C ILE A 360 0.51 21.30 -2.20
N VAL A 361 -0.71 21.02 -2.64
CA VAL A 361 -0.92 19.92 -3.59
C VAL A 361 -0.06 20.14 -4.81
N GLN A 362 -0.17 21.31 -5.46
CA GLN A 362 0.67 21.56 -6.62
C GLN A 362 2.16 21.53 -6.31
N THR A 363 2.59 21.85 -5.10
CA THR A 363 4.03 21.75 -4.78
C THR A 363 4.46 20.29 -4.80
N PHE A 364 3.68 19.37 -4.24
CA PHE A 364 4.03 17.94 -4.36
C PHE A 364 4.17 17.52 -5.83
N ILE A 365 3.20 17.88 -6.66
CA ILE A 365 3.20 17.52 -8.09
C ILE A 365 4.41 18.06 -8.82
N ASN A 366 4.72 19.34 -8.65
CA ASN A 366 5.90 19.90 -9.32
C ASN A 366 7.19 19.33 -8.77
N LEU A 367 7.29 19.05 -7.47
CA LEU A 367 8.56 18.50 -6.96
C LEU A 367 8.85 17.14 -7.62
N ALA A 368 7.81 16.32 -7.76
CA ALA A 368 7.98 15.00 -8.37
C ALA A 368 8.34 15.13 -9.84
N LYS A 369 7.73 16.10 -10.51
CA LYS A 369 8.05 16.31 -11.92
C LYS A 369 9.50 16.75 -12.06
N ASN A 370 9.96 17.62 -11.17
CA ASN A 370 11.32 18.11 -11.25
C ASN A 370 12.30 17.10 -10.65
N LYS A 371 11.77 15.94 -10.29
CA LYS A 371 12.58 14.91 -9.64
C LYS A 371 13.25 15.48 -8.40
N GLN A 372 12.52 16.35 -7.69
CA GLN A 372 13.12 16.93 -6.50
C GLN A 372 12.51 16.32 -5.24
N ASP A 373 11.68 15.30 -5.43
CA ASP A 373 11.05 14.69 -4.25
C ASP A 373 11.89 13.54 -3.74
N THR A 374 12.57 13.75 -2.63
CA THR A 374 13.50 12.80 -2.04
C THR A 374 12.85 11.90 -1.00
N TYR A 375 11.58 12.14 -0.71
CA TYR A 375 10.90 11.40 0.36
C TYR A 375 9.93 10.34 -0.18
N GLY A 376 9.05 10.78 -1.05
CA GLY A 376 8.00 10.00 -1.66
C GLY A 376 8.47 8.65 -2.17
N PRO A 377 9.43 8.62 -3.10
CA PRO A 377 9.91 7.36 -3.69
C PRO A 377 10.29 6.30 -2.65
N LEU A 378 10.70 6.75 -1.46
CA LEU A 378 11.07 5.84 -0.39
C LEU A 378 9.84 5.12 0.17
N LEU A 379 8.65 5.67 -0.05
CA LEU A 379 7.44 5.03 0.46
C LEU A 379 6.67 4.34 -0.65
N GLY A 380 7.12 4.55 -1.88
CA GLY A 380 6.39 4.00 -3.01
C GLY A 380 5.59 5.07 -3.73
N TYR A 381 5.76 6.33 -3.37
CA TYR A 381 5.02 7.40 -4.05
C TYR A 381 5.88 8.03 -5.13
N ASN A 382 5.67 7.64 -6.38
CA ASN A 382 6.49 8.11 -7.48
C ASN A 382 5.84 9.24 -8.26
N GLY A 383 4.67 9.68 -7.78
CA GLY A 383 3.98 10.73 -8.51
C GLY A 383 2.79 11.19 -7.67
N TYR A 384 2.12 12.26 -8.08
CA TYR A 384 1.01 12.83 -7.34
C TYR A 384 -0.04 13.42 -8.28
N LYS A 385 -1.28 13.46 -7.81
CA LYS A 385 -2.36 14.01 -8.60
C LYS A 385 -3.32 14.73 -7.67
N LYS A 386 -3.95 15.81 -8.14
CA LYS A 386 -4.98 16.47 -7.35
C LYS A 386 -6.25 15.64 -7.31
N ILE A 387 -6.95 15.54 -6.19
CA ILE A 387 -8.26 14.87 -6.21
C ILE A 387 -9.37 15.86 -6.54
N ASP A 388 -10.06 15.65 -7.65
CA ASP A 388 -11.08 16.53 -8.18
C ASP A 388 -12.46 16.13 -7.66
N ASN A 389 -12.56 14.84 -7.38
CA ASN A 389 -13.81 14.30 -6.86
C ASN A 389 -13.50 13.02 -6.06
N PHE A 390 -13.54 13.15 -4.76
CA PHE A 390 -13.22 12.09 -3.82
C PHE A 390 -14.16 10.92 -3.97
N GLN A 391 -15.45 11.22 -4.13
CA GLN A 391 -16.43 10.14 -4.21
C GLN A 391 -16.23 9.31 -5.46
N LYS A 392 -15.98 9.98 -6.59
CA LYS A 392 -15.78 9.27 -7.84
C LYS A 392 -14.42 8.58 -7.92
N GLU A 393 -13.37 9.30 -7.51
CA GLU A 393 -12.02 8.76 -7.71
C GLU A 393 -11.55 7.83 -6.61
N ILE A 394 -12.10 7.93 -5.41
CA ILE A 394 -11.55 7.12 -4.33
C ILE A 394 -12.63 6.23 -3.72
N VAL A 395 -13.73 6.82 -3.27
CA VAL A 395 -14.71 6.01 -2.56
C VAL A 395 -15.31 4.91 -3.43
N GLU A 396 -15.75 5.27 -4.63
CA GLU A 396 -16.39 4.33 -5.54
C GLU A 396 -15.45 3.21 -5.99
N VAL A 397 -14.19 3.55 -6.24
CA VAL A 397 -13.16 2.59 -6.65
C VAL A 397 -12.95 1.58 -5.54
N TYR A 398 -12.87 2.03 -4.28
CA TYR A 398 -12.67 1.12 -3.16
C TYR A 398 -13.88 0.23 -2.92
N GLU A 399 -15.09 0.80 -2.92
CA GLU A 399 -16.31 0.02 -2.65
C GLU A 399 -16.54 -1.06 -3.71
N LYS A 400 -16.20 -0.79 -4.96
CA LYS A 400 -16.42 -1.81 -5.98
C LYS A 400 -15.42 -2.96 -5.80
N ALA A 401 -14.27 -2.66 -5.21
CA ALA A 401 -13.24 -3.69 -5.06
C ALA A 401 -13.55 -4.64 -3.92
N ILE A 402 -14.27 -4.18 -2.88
CA ILE A 402 -14.51 -5.04 -1.74
C ILE A 402 -15.90 -5.70 -1.80
N LYS A 403 -16.69 -5.40 -2.81
CA LYS A 403 -18.07 -5.88 -2.92
C LYS A 403 -18.16 -7.39 -3.09
#